data_3B88
#
_entry.id   3B88
#
_cell.length_a   65.118
_cell.length_b   67.284
_cell.length_c   110.523
_cell.angle_alpha   90.000
_cell.angle_beta   90.000
_cell.angle_gamma   90.000
#
_symmetry.space_group_name_H-M   'C 2 2 21'
#
loop_
_entity.id
_entity.type
_entity.pdbx_description
1 polymer 'General odorant-binding protein lush'
2 non-polymer 'ACETATE ION'
3 non-polymer 2-{2-[2-2-(METHOXY-ETHOXY)-ETHOXY]-ETHOXY}-ETHANOL
4 water water
#
_entity_poly.entity_id   1
_entity_poly.type   'polypeptide(L)'
_entity_poly.pdbx_seq_one_letter_code
;MTMEQFLTSLDMIRSGCAPKFKLKTEDLDRLRVGDFNFPPSQDLMCYTKCVSLMAGAVNKKGEFNAPKALAQLPHLVPPE
MMEMSRKSVEACRDTHKQFKESCERVYQTAKCFSENADGQFMWP
;
_entity_poly.pdbx_strand_id   A,B
#
# COMPACT_ATOMS: atom_id res chain seq x y z
N MET A 1 16.34 11.80 -0.23
N MET A 1 16.01 11.56 -0.02
CA MET A 1 17.21 10.77 0.41
CA MET A 1 17.19 10.77 0.41
C MET A 1 17.17 9.46 -0.37
C MET A 1 17.05 9.35 -0.13
N THR A 2 18.16 8.60 -0.13
CA THR A 2 18.20 7.26 -0.71
C THR A 2 17.57 6.20 0.20
N MET A 3 17.25 5.04 -0.37
CA MET A 3 16.76 3.92 0.44
C MET A 3 17.75 3.58 1.57
N GLU A 4 19.03 3.50 1.24
CA GLU A 4 20.08 3.23 2.24
C GLU A 4 20.06 4.21 3.40
N GLN A 5 19.96 5.50 3.08
CA GLN A 5 19.88 6.55 4.10
C GLN A 5 18.58 6.42 4.91
N PHE A 6 17.49 6.07 4.22
CA PHE A 6 16.21 5.96 4.89
C PHE A 6 16.24 4.86 5.96
N LEU A 7 16.70 3.68 5.56
CA LEU A 7 16.75 2.54 6.49
C LEU A 7 17.57 2.85 7.73
N THR A 8 18.69 3.54 7.54
CA THR A 8 19.50 3.97 8.67
C THR A 8 18.80 5.05 9.49
N SER A 9 18.06 5.94 8.84
CA SER A 9 17.34 7.01 9.55
C SER A 9 16.34 6.45 10.58
N LEU A 10 15.72 5.33 10.25
CA LEU A 10 14.79 4.66 11.18
C LEU A 10 15.41 4.49 12.55
N ASP A 11 16.64 4.00 12.60
CA ASP A 11 17.35 3.83 13.87
C ASP A 11 17.69 5.16 14.53
N MET A 12 18.08 6.16 13.73
CA MET A 12 18.43 7.46 14.31
C MET A 12 17.17 8.13 14.90
N ILE A 13 16.06 8.02 14.19
CA ILE A 13 14.76 8.50 14.71
C ILE A 13 14.41 7.78 16.02
N ARG A 14 14.55 6.46 16.03
CA ARG A 14 14.21 5.68 17.20
C ARG A 14 15.04 6.09 18.42
N SER A 15 16.34 6.34 18.21
CA SER A 15 17.25 6.74 19.29
C SER A 15 16.83 8.07 19.95
N GLY A 16 16.20 8.93 19.17
CA GLY A 16 15.72 10.21 19.70
C GLY A 16 14.48 10.11 20.55
N CYS A 17 13.75 8.99 20.44
CA CYS A 17 12.43 8.85 21.06
C CYS A 17 12.35 7.72 22.07
N ALA A 18 12.93 6.57 21.73
CA ALA A 18 12.85 5.37 22.56
C ALA A 18 13.25 5.55 24.05
N PRO A 19 14.35 6.28 24.33
CA PRO A 19 14.78 6.42 25.74
C PRO A 19 13.82 7.23 26.63
N LYS A 20 12.86 7.94 26.05
CA LYS A 20 11.89 8.67 26.84
C LYS A 20 10.80 7.77 27.40
N PHE A 21 10.73 6.53 26.91
CA PHE A 21 9.61 5.64 27.21
C PHE A 21 10.11 4.31 27.71
N LYS A 22 9.21 3.56 28.33
CA LYS A 22 9.46 2.22 28.79
C LYS A 22 8.85 1.28 27.76
N LEU A 23 9.73 0.65 26.98
CA LEU A 23 9.31 -0.05 25.78
C LEU A 23 9.85 -1.46 25.72
N LYS A 24 9.08 -2.37 25.13
CA LYS A 24 9.54 -3.73 24.91
C LYS A 24 10.18 -3.87 23.53
N THR A 25 11.33 -4.54 23.45
CA THR A 25 12.04 -4.68 22.17
C THR A 25 11.20 -5.42 21.13
N GLU A 26 10.48 -6.45 21.56
CA GLU A 26 9.63 -7.22 20.68
C GLU A 26 8.51 -6.35 20.07
N ASP A 27 8.00 -5.37 20.84
CA ASP A 27 7.01 -4.43 20.32
C ASP A 27 7.60 -3.56 19.23
N LEU A 28 8.79 -3.01 19.49
CA LEU A 28 9.47 -2.14 18.54
C LEU A 28 9.84 -2.91 17.28
N ASP A 29 10.29 -4.17 17.44
CA ASP A 29 10.55 -5.05 16.28
C ASP A 29 9.31 -5.17 15.39
N ARG A 30 8.14 -5.33 16.00
N ARG A 30 8.14 -5.34 16.02
CA ARG A 30 6.91 -5.51 15.24
CA ARG A 30 6.87 -5.51 15.30
C ARG A 30 6.45 -4.23 14.54
C ARG A 30 6.48 -4.24 14.54
N LEU A 31 6.58 -3.08 15.20
CA LEU A 31 6.29 -1.80 14.53
C LEU A 31 7.28 -1.54 13.38
N ARG A 32 8.53 -1.92 13.57
CA ARG A 32 9.57 -1.69 12.54
C ARG A 32 9.22 -2.34 11.19
N VAL A 33 8.54 -3.49 11.24
CA VAL A 33 8.08 -4.19 10.03
C VAL A 33 6.63 -3.86 9.68
N GLY A 34 6.05 -2.87 10.35
CA GLY A 34 4.69 -2.42 10.09
C GLY A 34 3.58 -3.32 10.61
N ASP A 35 3.89 -4.13 11.63
CA ASP A 35 2.92 -5.02 12.26
C ASP A 35 2.38 -4.36 13.53
N PHE A 36 1.25 -3.67 13.38
CA PHE A 36 0.58 -2.97 14.48
C PHE A 36 -0.57 -3.81 15.04
N ASN A 37 -0.55 -5.11 14.75
CA ASN A 37 -1.63 -6.02 15.17
C ASN A 37 -1.42 -6.62 16.54
N PHE A 38 -1.29 -5.76 17.55
CA PHE A 38 -1.23 -6.18 18.94
C PHE A 38 -1.60 -4.97 19.81
N PRO A 39 -2.11 -5.21 21.02
CA PRO A 39 -2.48 -4.06 21.85
C PRO A 39 -1.24 -3.30 22.34
N PRO A 40 -1.23 -1.97 22.16
CA PRO A 40 -0.11 -1.15 22.61
C PRO A 40 -0.26 -0.65 24.04
N SER A 41 0.85 -0.58 24.78
CA SER A 41 0.88 0.16 26.05
C SER A 41 0.74 1.65 25.73
N GLN A 42 0.46 2.45 26.75
N GLN A 42 0.46 2.45 26.76
CA GLN A 42 0.41 3.91 26.60
CA GLN A 42 0.42 3.91 26.63
C GLN A 42 1.78 4.47 26.24
C GLN A 42 1.78 4.43 26.19
N ASP A 43 2.85 3.84 26.77
CA ASP A 43 4.23 4.21 26.41
C ASP A 43 4.49 4.06 24.90
N LEU A 44 4.12 2.92 24.34
CA LEU A 44 4.27 2.66 22.90
C LEU A 44 3.47 3.64 22.04
N MET A 45 2.24 3.95 22.46
CA MET A 45 1.43 4.94 21.76
C MET A 45 2.12 6.28 21.77
N CYS A 46 2.63 6.69 22.94
CA CYS A 46 3.30 7.98 23.06
C CYS A 46 4.64 8.00 22.33
N TYR A 47 5.27 6.84 22.21
CA TYR A 47 6.42 6.69 21.34
C TYR A 47 6.09 7.07 19.88
N THR A 48 4.99 6.52 19.34
CA THR A 48 4.57 6.87 17.97
C THR A 48 4.33 8.36 17.81
N LYS A 49 3.85 9.01 18.88
CA LYS A 49 3.68 10.47 18.89
C LYS A 49 5.01 11.23 18.82
N CYS A 50 6.00 10.81 19.62
CA CYS A 50 7.33 11.41 19.62
C CYS A 50 7.98 11.29 18.22
N VAL A 51 7.87 10.13 17.63
CA VAL A 51 8.33 9.89 16.25
C VAL A 51 7.62 10.82 15.24
N SER A 52 6.30 10.87 15.28
CA SER A 52 5.52 11.73 14.38
C SER A 52 5.75 13.23 14.62
N LEU A 53 5.97 13.64 15.87
CA LEU A 53 6.40 15.02 16.16
C LEU A 53 7.74 15.35 15.49
N MET A 54 8.69 14.42 15.56
CA MET A 54 10.00 14.59 14.93
C MET A 54 9.91 14.79 13.41
N ALA A 55 8.92 14.16 12.79
CA ALA A 55 8.66 14.30 11.36
C ALA A 55 7.95 15.61 11.06
N GLY A 56 7.39 16.25 12.09
CA GLY A 56 6.62 17.48 11.91
C GLY A 56 5.22 17.22 11.37
N ALA A 57 4.75 15.97 11.44
CA ALA A 57 3.48 15.58 10.84
C ALA A 57 2.26 15.84 11.74
N VAL A 58 2.50 15.98 13.04
CA VAL A 58 1.44 16.25 14.01
C VAL A 58 1.84 17.40 14.95
N ASN A 59 0.86 18.00 15.61
CA ASN A 59 1.15 18.97 16.66
C ASN A 59 1.14 18.25 18.00
N LYS A 60 1.33 19.00 19.09
CA LYS A 60 1.37 18.39 20.41
C LYS A 60 0.04 17.81 20.89
N LYS A 61 -1.07 18.20 20.23
CA LYS A 61 -2.39 17.63 20.49
C LYS A 61 -2.67 16.34 19.73
N GLY A 62 -1.71 15.90 18.93
CA GLY A 62 -1.86 14.66 18.17
C GLY A 62 -2.67 14.83 16.90
N GLU A 63 -2.92 16.08 16.52
CA GLU A 63 -3.68 16.40 15.31
C GLU A 63 -2.78 16.20 14.11
N PHE A 64 -3.22 15.37 13.17
CA PHE A 64 -2.50 15.10 11.94
C PHE A 64 -2.68 16.23 10.90
N ASN A 65 -1.56 16.80 10.46
CA ASN A 65 -1.58 17.88 9.47
C ASN A 65 -1.14 17.34 8.12
N ALA A 66 -2.12 16.94 7.31
CA ALA A 66 -1.88 16.29 6.03
C ALA A 66 -1.19 17.18 4.98
N PRO A 67 -1.61 18.45 4.86
CA PRO A 67 -0.83 19.37 4.03
C PRO A 67 0.65 19.46 4.42
N LYS A 68 0.93 19.53 5.72
CA LYS A 68 2.32 19.61 6.19
C LYS A 68 3.08 18.29 6.01
N ALA A 69 2.42 17.17 6.30
CA ALA A 69 2.97 15.83 6.07
C ALA A 69 3.42 15.65 4.62
N LEU A 70 2.55 15.99 3.67
CA LEU A 70 2.90 15.92 2.24
C LEU A 70 4.06 16.83 1.86
N ALA A 71 4.09 18.03 2.44
CA ALA A 71 5.17 18.99 2.20
C ALA A 71 6.49 18.50 2.77
N GLN A 72 6.41 17.73 3.85
CA GLN A 72 7.61 17.17 4.49
C GLN A 72 8.10 15.87 3.86
N LEU A 73 7.19 15.10 3.25
CA LEU A 73 7.53 13.77 2.72
C LEU A 73 8.81 13.68 1.89
N PRO A 74 9.03 14.61 0.94
CA PRO A 74 10.30 14.58 0.21
C PRO A 74 11.55 14.54 1.09
N HIS A 75 11.43 15.02 2.33
CA HIS A 75 12.54 15.00 3.28
C HIS A 75 12.45 13.84 4.27
N LEU A 76 11.35 13.09 4.24
CA LEU A 76 11.14 12.01 5.21
C LEU A 76 11.35 10.61 4.63
N VAL A 77 10.96 10.42 3.38
CA VAL A 77 10.99 9.09 2.75
C VAL A 77 11.67 9.13 1.37
N PRO A 78 12.24 7.99 0.95
CA PRO A 78 12.91 7.91 -0.35
C PRO A 78 11.90 7.93 -1.52
N PRO A 79 12.33 8.37 -2.73
CA PRO A 79 11.39 8.42 -3.86
C PRO A 79 10.57 7.13 -4.07
N GLU A 80 11.21 5.96 -3.85
CA GLU A 80 10.56 4.65 -3.93
C GLU A 80 9.33 4.50 -3.04
N MET A 81 9.29 5.23 -1.94
CA MET A 81 8.21 5.07 -0.97
C MET A 81 7.20 6.22 -1.00
N MET A 82 7.47 7.22 -1.85
CA MET A 82 6.67 8.44 -1.93
C MET A 82 5.19 8.20 -2.20
N GLU A 83 4.88 7.44 -3.24
CA GLU A 83 3.49 7.17 -3.63
C GLU A 83 2.71 6.42 -2.53
N MET A 84 3.31 5.37 -2.00
CA MET A 84 2.70 4.61 -0.89
C MET A 84 2.37 5.57 0.26
N SER A 85 3.32 6.42 0.60
CA SER A 85 3.16 7.34 1.74
C SER A 85 2.04 8.35 1.49
N ARG A 86 2.06 8.98 0.31
N ARG A 86 2.05 8.99 0.31
CA ARG A 86 1.00 9.92 -0.08
CA ARG A 86 1.00 9.92 -0.08
C ARG A 86 -0.40 9.28 -0.04
C ARG A 86 -0.39 9.27 -0.03
N LYS A 87 -0.47 8.01 -0.45
CA LYS A 87 -1.72 7.23 -0.39
C LYS A 87 -2.17 6.97 1.04
N SER A 88 -1.21 6.66 1.93
CA SER A 88 -1.50 6.46 3.34
C SER A 88 -1.86 7.77 4.03
N VAL A 89 -1.21 8.86 3.65
CA VAL A 89 -1.53 10.18 4.21
C VAL A 89 -2.99 10.54 3.89
N GLU A 90 -3.37 10.39 2.62
CA GLU A 90 -4.74 10.65 2.17
C GLU A 90 -5.76 9.76 2.87
N ALA A 91 -5.53 8.46 2.86
CA ALA A 91 -6.46 7.48 3.46
C ALA A 91 -6.66 7.64 4.96
N CYS A 92 -5.67 8.20 5.65
CA CYS A 92 -5.66 8.25 7.12
C CYS A 92 -5.70 9.67 7.67
N ARG A 93 -5.92 10.66 6.80
CA ARG A 93 -5.93 12.08 7.19
C ARG A 93 -6.90 12.44 8.32
N ASP A 94 -8.03 11.72 8.37
CA ASP A 94 -9.07 12.00 9.37
C ASP A 94 -9.20 10.93 10.45
N THR A 95 -8.23 10.03 10.53
CA THR A 95 -8.20 9.01 11.60
C THR A 95 -8.22 9.65 13.00
N HIS A 96 -7.43 10.72 13.18
CA HIS A 96 -7.23 11.34 14.49
C HIS A 96 -8.52 11.92 15.10
N LYS A 97 -9.45 12.30 14.22
CA LYS A 97 -10.71 12.92 14.63
C LYS A 97 -11.61 11.99 15.45
N GLN A 98 -11.42 10.68 15.32
CA GLN A 98 -12.20 9.72 16.10
C GLN A 98 -11.63 9.51 17.52
N PHE A 99 -10.51 10.16 17.82
CA PHE A 99 -9.88 10.00 19.13
C PHE A 99 -9.57 11.33 19.80
N LYS A 100 -9.44 11.31 21.12
CA LYS A 100 -9.40 12.53 21.92
C LYS A 100 -8.00 12.82 22.43
N GLU A 101 -7.31 11.77 22.85
CA GLU A 101 -6.01 11.88 23.52
C GLU A 101 -4.88 11.87 22.47
N SER A 102 -3.87 12.72 22.68
CA SER A 102 -2.84 12.97 21.66
C SER A 102 -2.04 11.72 21.25
N CYS A 103 -1.65 10.91 22.23
CA CYS A 103 -0.90 9.68 21.93
C CYS A 103 -1.77 8.68 21.17
N GLU A 104 -3.02 8.54 21.61
CA GLU A 104 -4.00 7.70 20.92
C GLU A 104 -4.24 8.14 19.49
N ARG A 105 -4.43 9.44 19.27
CA ARG A 105 -4.63 10.00 17.93
C ARG A 105 -3.51 9.59 16.97
N VAL A 106 -2.27 9.76 17.42
CA VAL A 106 -1.12 9.47 16.59
C VAL A 106 -0.94 7.97 16.35
N TYR A 107 -0.97 7.17 17.42
CA TYR A 107 -0.84 5.73 17.28
C TYR A 107 -1.86 5.16 16.28
N GLN A 108 -3.12 5.56 16.41
CA GLN A 108 -4.18 5.04 15.55
C GLN A 108 -3.99 5.48 14.09
N THR A 109 -3.43 6.67 13.90
CA THR A 109 -3.07 7.19 12.60
C THR A 109 -1.92 6.36 11.98
N ALA A 110 -0.90 6.04 12.77
CA ALA A 110 0.22 5.20 12.31
C ALA A 110 -0.21 3.77 11.98
N LYS A 111 -1.11 3.23 12.81
CA LYS A 111 -1.71 1.92 12.55
C LYS A 111 -2.45 1.96 11.21
N CYS A 112 -3.27 2.99 11.03
CA CYS A 112 -3.94 3.23 9.76
C CYS A 112 -2.93 3.32 8.61
N PHE A 113 -1.84 4.06 8.79
CA PHE A 113 -0.78 4.08 7.76
C PHE A 113 -0.38 2.66 7.41
N SER A 114 -0.14 1.83 8.43
CA SER A 114 0.36 0.46 8.23
C SER A 114 -0.63 -0.45 7.52
N GLU A 115 -1.92 -0.24 7.80
CA GLU A 115 -3.00 -1.05 7.23
C GLU A 115 -3.37 -0.63 5.81
N ASN A 116 -3.15 0.66 5.49
N ASN A 116 -3.13 0.65 5.49
CA ASN A 116 -3.41 1.16 4.14
CA ASN A 116 -3.39 1.20 4.17
C ASN A 116 -2.21 1.03 3.21
C ASN A 116 -2.16 1.30 3.28
N ALA A 117 -1.03 0.77 3.78
CA ALA A 117 0.20 0.73 2.99
C ALA A 117 0.10 -0.34 1.91
N ASP A 118 0.27 0.08 0.66
CA ASP A 118 0.23 -0.87 -0.47
C ASP A 118 1.58 -1.55 -0.75
N GLY A 119 2.55 -1.35 0.15
CA GLY A 119 3.83 -2.08 0.09
C GLY A 119 4.36 -2.29 1.50
N GLN A 120 5.65 -2.60 1.63
CA GLN A 120 6.23 -2.74 2.98
C GLN A 120 6.20 -1.41 3.71
N PHE A 121 5.72 -1.44 4.94
CA PHE A 121 5.64 -0.23 5.77
C PHE A 121 6.61 -0.41 6.93
N MET A 122 7.34 0.64 7.26
CA MET A 122 8.38 0.58 8.26
C MET A 122 8.23 1.74 9.23
N TRP A 123 8.12 1.43 10.52
CA TRP A 123 8.08 2.48 11.54
C TRP A 123 9.43 2.58 12.22
N PRO A 124 9.93 3.81 12.49
CA PRO A 124 11.17 3.93 13.23
C PRO A 124 11.15 3.19 14.55
N MET B 1 -12.08 9.26 -14.33
CA MET B 1 -10.90 9.49 -15.22
C MET B 1 -11.23 9.10 -16.65
N THR B 2 -10.57 9.76 -17.60
CA THR B 2 -10.80 9.53 -19.01
C THR B 2 -10.02 8.29 -19.48
N MET B 3 -10.33 7.78 -20.67
CA MET B 3 -9.58 6.65 -21.20
C MET B 3 -8.13 7.05 -21.47
N GLU B 4 -7.90 8.28 -21.90
CA GLU B 4 -6.53 8.77 -22.07
C GLU B 4 -5.76 8.76 -20.74
N GLN B 5 -6.40 9.21 -19.67
CA GLN B 5 -5.81 9.16 -18.32
C GLN B 5 -5.57 7.71 -17.86
N PHE B 6 -6.52 6.82 -18.15
CA PHE B 6 -6.38 5.40 -17.79
C PHE B 6 -5.16 4.73 -18.42
N LEU B 7 -4.99 4.96 -19.72
CA LEU B 7 -3.92 4.33 -20.46
C LEU B 7 -2.55 4.77 -19.92
N THR B 8 -2.42 6.07 -19.66
CA THR B 8 -1.19 6.60 -19.06
C THR B 8 -0.97 6.12 -17.63
N SER B 9 -2.06 5.93 -16.89
CA SER B 9 -1.98 5.44 -15.52
C SER B 9 -1.37 4.04 -15.44
N LEU B 10 -1.54 3.23 -16.49
CA LEU B 10 -0.97 1.88 -16.53
C LEU B 10 0.54 1.88 -16.37
N ASP B 11 1.19 2.80 -17.06
CA ASP B 11 2.63 3.01 -16.92
C ASP B 11 3.04 3.54 -15.55
N MET B 12 2.24 4.44 -15.00
CA MET B 12 2.54 5.01 -13.70
C MET B 12 2.42 3.95 -12.63
N ILE B 13 1.37 3.14 -12.69
CA ILE B 13 1.21 2.01 -11.77
C ILE B 13 2.39 1.02 -11.86
N ARG B 14 2.75 0.63 -13.08
CA ARG B 14 3.84 -0.31 -13.31
C ARG B 14 5.13 0.20 -12.68
N SER B 15 5.35 1.52 -12.79
CA SER B 15 6.57 2.14 -12.27
C SER B 15 6.70 2.07 -10.75
N GLY B 16 5.57 1.95 -10.05
CA GLY B 16 5.56 1.78 -8.59
C GLY B 16 5.73 0.33 -8.16
N CYS B 17 5.71 -0.60 -9.13
CA CYS B 17 5.80 -2.04 -8.81
C CYS B 17 6.98 -2.78 -9.45
N ALA B 18 7.16 -2.59 -10.75
CA ALA B 18 8.23 -3.28 -11.50
C ALA B 18 9.62 -3.28 -10.89
N PRO B 19 10.09 -2.13 -10.33
CA PRO B 19 11.44 -2.07 -9.73
C PRO B 19 11.67 -2.99 -8.51
N LYS B 20 10.58 -3.50 -7.92
CA LYS B 20 10.65 -4.38 -6.76
C LYS B 20 10.99 -5.82 -7.17
N PHE B 21 10.96 -6.07 -8.48
CA PHE B 21 11.04 -7.41 -9.05
C PHE B 21 12.05 -7.54 -10.19
N LYS B 22 12.44 -8.78 -10.45
CA LYS B 22 13.21 -9.14 -11.65
C LYS B 22 12.17 -9.63 -12.68
N LEU B 23 11.95 -8.82 -13.73
CA LEU B 23 10.88 -9.09 -14.68
C LEU B 23 11.36 -9.00 -16.12
N LYS B 24 10.74 -9.76 -17.01
CA LYS B 24 11.09 -9.71 -18.44
C LYS B 24 10.15 -8.77 -19.19
N THR B 25 10.71 -7.82 -19.94
CA THR B 25 9.87 -6.87 -20.68
C THR B 25 8.79 -7.56 -21.53
N GLU B 26 9.13 -8.70 -22.14
N GLU B 26 9.15 -8.69 -22.15
CA GLU B 26 8.20 -9.43 -23.00
CA GLU B 26 8.22 -9.45 -22.98
C GLU B 26 7.03 -10.05 -22.22
C GLU B 26 7.01 -9.93 -22.18
N ASP B 27 7.27 -10.35 -20.94
CA ASP B 27 6.21 -10.83 -20.04
C ASP B 27 5.24 -9.71 -19.73
N LEU B 28 5.76 -8.54 -19.41
CA LEU B 28 4.94 -7.38 -19.09
C LEU B 28 4.08 -6.96 -20.30
N ASP B 29 4.69 -7.00 -21.50
CA ASP B 29 3.96 -6.69 -22.76
C ASP B 29 2.71 -7.55 -22.93
N ARG B 30 2.86 -8.85 -22.68
N ARG B 30 2.86 -8.85 -22.66
CA ARG B 30 1.76 -9.81 -22.78
CA ARG B 30 1.76 -9.80 -22.80
C ARG B 30 0.69 -9.53 -21.74
C ARG B 30 0.67 -9.56 -21.73
N LEU B 31 1.10 -9.31 -20.50
CA LEU B 31 0.14 -8.96 -19.44
C LEU B 31 -0.62 -7.68 -19.78
N ARG B 32 0.11 -6.68 -20.31
CA ARG B 32 -0.48 -5.38 -20.70
C ARG B 32 -1.63 -5.48 -21.72
N VAL B 33 -1.60 -6.50 -22.58
CA VAL B 33 -2.67 -6.71 -23.56
C VAL B 33 -3.63 -7.81 -23.11
N GLY B 34 -3.48 -8.27 -21.87
CA GLY B 34 -4.38 -9.26 -21.31
C GLY B 34 -4.08 -10.69 -21.74
N ASP B 35 -2.85 -10.92 -22.19
CA ASP B 35 -2.40 -12.25 -22.59
C ASP B 35 -1.72 -12.94 -21.41
N PHE B 36 -2.51 -13.66 -20.63
CA PHE B 36 -2.02 -14.40 -19.48
C PHE B 36 -1.73 -15.86 -19.85
N ASN B 37 -1.70 -16.17 -21.15
CA ASN B 37 -1.47 -17.54 -21.63
C ASN B 37 0.01 -17.91 -21.78
N PHE B 38 0.74 -17.85 -20.67
CA PHE B 38 2.12 -18.33 -20.57
C PHE B 38 2.42 -18.50 -19.07
N PRO B 39 3.39 -19.37 -18.72
CA PRO B 39 3.63 -19.59 -17.29
C PRO B 39 4.36 -18.42 -16.65
N PRO B 40 3.81 -17.88 -15.56
CA PRO B 40 4.43 -16.76 -14.85
C PRO B 40 5.57 -17.22 -13.94
N SER B 41 6.63 -16.41 -13.82
CA SER B 41 7.61 -16.59 -12.75
C SER B 41 6.99 -16.19 -11.42
N GLN B 42 7.64 -16.56 -10.32
CA GLN B 42 7.24 -16.07 -9.01
C GLN B 42 7.22 -14.56 -8.95
N ASP B 43 8.27 -13.93 -9.51
CA ASP B 43 8.36 -12.47 -9.58
C ASP B 43 7.16 -11.85 -10.30
N LEU B 44 6.83 -12.38 -11.48
CA LEU B 44 5.67 -11.89 -12.25
C LEU B 44 4.36 -11.96 -11.46
N MET B 45 4.15 -13.08 -10.78
CA MET B 45 2.96 -13.22 -9.95
C MET B 45 2.94 -12.22 -8.81
N CYS B 46 4.09 -11.99 -8.20
CA CYS B 46 4.13 -11.07 -7.07
C CYS B 46 4.04 -9.63 -7.57
N TYR B 47 4.42 -9.41 -8.83
CA TYR B 47 4.16 -8.13 -9.49
C TYR B 47 2.66 -7.85 -9.58
N THR B 48 1.86 -8.85 -9.99
CA THR B 48 0.40 -8.66 -10.03
C THR B 48 -0.20 -8.36 -8.66
N LYS B 49 0.36 -8.95 -7.60
CA LYS B 49 -0.07 -8.66 -6.22
C LYS B 49 0.20 -7.20 -5.88
N CYS B 50 1.43 -6.75 -6.18
CA CYS B 50 1.86 -5.36 -5.93
C CYS B 50 0.92 -4.37 -6.61
N VAL B 51 0.62 -4.61 -7.89
CA VAL B 51 -0.35 -3.81 -8.64
C VAL B 51 -1.74 -3.80 -7.98
N SER B 52 -2.20 -4.96 -7.55
CA SER B 52 -3.54 -5.10 -6.99
C SER B 52 -3.65 -4.43 -5.62
N LEU B 53 -2.55 -4.49 -4.85
CA LEU B 53 -2.49 -3.76 -3.60
C LEU B 53 -2.61 -2.25 -3.83
N MET B 54 -1.99 -1.74 -4.89
CA MET B 54 -2.11 -0.32 -5.18
C MET B 54 -3.57 0.07 -5.45
N ALA B 55 -4.30 -0.83 -6.10
CA ALA B 55 -5.71 -0.63 -6.44
C ALA B 55 -6.62 -0.70 -5.22
N GLY B 56 -6.10 -1.24 -4.12
CA GLY B 56 -6.91 -1.54 -2.94
C GLY B 56 -7.90 -2.67 -3.20
N ALA B 57 -7.57 -3.55 -4.14
CA ALA B 57 -8.45 -4.66 -4.49
C ALA B 57 -8.22 -5.88 -3.60
N VAL B 58 -6.98 -6.07 -3.15
CA VAL B 58 -6.61 -7.24 -2.36
C VAL B 58 -5.96 -6.80 -1.05
N ASN B 59 -5.90 -7.72 -0.08
CA ASN B 59 -5.05 -7.52 1.10
C ASN B 59 -3.69 -8.21 0.90
N LYS B 60 -2.83 -8.14 1.92
CA LYS B 60 -1.48 -8.68 1.83
C LYS B 60 -1.43 -10.19 1.83
N LYS B 61 -2.55 -10.82 2.19
CA LYS B 61 -2.72 -12.26 2.05
C LYS B 61 -3.19 -12.63 0.62
N GLY B 62 -3.41 -11.62 -0.20
CA GLY B 62 -3.84 -11.82 -1.58
C GLY B 62 -5.31 -12.17 -1.72
N GLU B 63 -6.09 -11.90 -0.67
CA GLU B 63 -7.52 -12.15 -0.70
C GLU B 63 -8.20 -11.01 -1.42
N PHE B 64 -8.96 -11.35 -2.45
CA PHE B 64 -9.67 -10.36 -3.24
C PHE B 64 -10.86 -9.86 -2.43
N ASN B 65 -11.00 -8.54 -2.39
CA ASN B 65 -12.11 -7.90 -1.70
C ASN B 65 -13.04 -7.25 -2.72
N ALA B 66 -14.00 -8.02 -3.21
CA ALA B 66 -14.92 -7.57 -4.26
C ALA B 66 -15.74 -6.31 -3.94
N PRO B 67 -16.38 -6.24 -2.75
CA PRO B 67 -17.08 -5.00 -2.38
C PRO B 67 -16.17 -3.78 -2.31
N LYS B 68 -14.95 -3.96 -1.81
CA LYS B 68 -13.96 -2.88 -1.79
C LYS B 68 -13.56 -2.52 -3.23
N ALA B 69 -13.28 -3.54 -4.04
CA ALA B 69 -12.89 -3.36 -5.45
C ALA B 69 -13.94 -2.59 -6.26
N LEU B 70 -15.19 -3.04 -6.16
CA LEU B 70 -16.32 -2.35 -6.78
C LEU B 70 -16.37 -0.88 -6.39
N ALA B 71 -16.21 -0.60 -5.09
CA ALA B 71 -16.21 0.77 -4.58
C ALA B 71 -15.04 1.56 -5.14
N GLN B 72 -13.93 0.87 -5.38
CA GLN B 72 -12.72 1.49 -5.92
C GLN B 72 -12.79 1.79 -7.42
N LEU B 73 -13.56 0.98 -8.16
CA LEU B 73 -13.60 1.08 -9.63
C LEU B 73 -13.58 2.51 -10.22
N PRO B 74 -14.51 3.40 -9.81
CA PRO B 74 -14.53 4.79 -10.30
C PRO B 74 -13.20 5.58 -10.26
N HIS B 75 -12.25 5.17 -9.41
CA HIS B 75 -10.94 5.82 -9.36
C HIS B 75 -9.88 5.03 -10.11
N LEU B 76 -10.26 3.85 -10.59
CA LEU B 76 -9.32 2.90 -11.18
C LEU B 76 -9.47 2.78 -12.71
N VAL B 77 -10.72 2.79 -13.19
CA VAL B 77 -10.99 2.54 -14.61
C VAL B 77 -11.91 3.64 -15.18
N PRO B 78 -11.80 3.93 -16.49
CA PRO B 78 -12.64 4.97 -17.11
C PRO B 78 -14.06 4.42 -17.27
N PRO B 79 -15.07 5.31 -17.41
CA PRO B 79 -16.48 4.88 -17.52
C PRO B 79 -16.72 3.85 -18.62
N GLU B 80 -15.95 3.95 -19.70
CA GLU B 80 -16.01 3.05 -20.85
C GLU B 80 -15.74 1.59 -20.48
N MET B 81 -15.01 1.39 -19.39
CA MET B 81 -14.61 0.06 -18.96
C MET B 81 -15.28 -0.37 -17.67
N MET B 82 -16.20 0.47 -17.16
CA MET B 82 -16.89 0.19 -15.90
C MET B 82 -17.67 -1.13 -15.92
N GLU B 83 -18.53 -1.33 -16.91
CA GLU B 83 -19.39 -2.53 -16.89
C GLU B 83 -18.64 -3.84 -17.04
N MET B 84 -17.65 -3.87 -17.94
CA MET B 84 -16.76 -5.03 -18.10
C MET B 84 -16.02 -5.36 -16.80
N SER B 85 -15.54 -4.33 -16.11
CA SER B 85 -14.85 -4.51 -14.83
C SER B 85 -15.81 -4.98 -13.74
N ARG B 86 -17.00 -4.38 -13.68
CA ARG B 86 -18.06 -4.83 -12.77
C ARG B 86 -18.37 -6.32 -12.96
N LYS B 87 -18.47 -6.75 -14.22
CA LYS B 87 -18.72 -8.14 -14.57
C LYS B 87 -17.57 -9.09 -14.21
N SER B 88 -16.33 -8.64 -14.44
CA SER B 88 -15.15 -9.44 -14.13
C SER B 88 -14.96 -9.63 -12.63
N VAL B 89 -15.16 -8.54 -11.88
CA VAL B 89 -15.14 -8.60 -10.41
C VAL B 89 -16.09 -9.70 -9.93
N GLU B 90 -17.32 -9.67 -10.44
CA GLU B 90 -18.35 -10.64 -10.06
C GLU B 90 -17.94 -12.08 -10.34
N ALA B 91 -17.50 -12.34 -11.56
CA ALA B 91 -17.14 -13.68 -12.01
C ALA B 91 -15.92 -14.26 -11.29
N CYS B 92 -15.05 -13.39 -10.80
CA CYS B 92 -13.73 -13.80 -10.31
C CYS B 92 -13.55 -13.64 -8.81
N ARG B 93 -14.59 -13.20 -8.13
CA ARG B 93 -14.51 -12.90 -6.69
C ARG B 93 -14.20 -14.12 -5.80
N ASP B 94 -14.36 -15.32 -6.34
CA ASP B 94 -14.08 -16.54 -5.58
C ASP B 94 -12.82 -17.29 -6.06
N THR B 95 -12.11 -16.69 -7.02
CA THR B 95 -10.93 -17.30 -7.62
C THR B 95 -9.81 -17.53 -6.60
N HIS B 96 -9.60 -16.54 -5.72
CA HIS B 96 -8.53 -16.58 -4.73
C HIS B 96 -8.65 -17.75 -3.75
N LYS B 97 -9.87 -18.22 -3.52
CA LYS B 97 -10.13 -19.30 -2.54
C LYS B 97 -9.52 -20.65 -2.95
N GLN B 98 -9.28 -20.84 -4.23
CA GLN B 98 -8.72 -22.10 -4.73
C GLN B 98 -7.19 -22.16 -4.60
N PHE B 99 -6.61 -21.10 -4.00
CA PHE B 99 -5.16 -20.95 -3.87
C PHE B 99 -4.80 -20.43 -2.48
N LYS B 100 -3.57 -20.68 -2.03
CA LYS B 100 -3.15 -20.29 -0.68
C LYS B 100 -2.04 -19.24 -0.59
N GLU B 101 -1.09 -19.29 -1.51
CA GLU B 101 0.02 -18.35 -1.52
C GLU B 101 -0.43 -17.02 -2.11
N SER B 102 -0.06 -15.91 -1.47
CA SER B 102 -0.65 -14.60 -1.75
C SER B 102 -0.46 -14.12 -3.20
N CYS B 103 0.74 -14.31 -3.73
CA CYS B 103 1.05 -13.91 -5.10
C CYS B 103 0.30 -14.75 -6.14
N GLU B 104 0.17 -16.05 -5.89
CA GLU B 104 -0.58 -16.95 -6.76
C GLU B 104 -2.07 -16.61 -6.73
N ARG B 105 -2.61 -16.33 -5.54
CA ARG B 105 -4.00 -15.93 -5.40
C ARG B 105 -4.35 -14.72 -6.28
N VAL B 106 -3.48 -13.71 -6.27
CA VAL B 106 -3.74 -12.48 -7.03
C VAL B 106 -3.56 -12.75 -8.52
N TYR B 107 -2.46 -13.41 -8.86
CA TYR B 107 -2.16 -13.71 -10.25
C TYR B 107 -3.32 -14.43 -10.92
N GLN B 108 -3.87 -15.43 -10.22
CA GLN B 108 -4.96 -16.24 -10.74
C GLN B 108 -6.24 -15.42 -10.83
N THR B 109 -6.42 -14.49 -9.90
CA THR B 109 -7.54 -13.57 -9.95
C THR B 109 -7.42 -12.68 -11.21
N ALA B 110 -6.23 -12.12 -11.44
CA ALA B 110 -5.98 -11.26 -12.61
C ALA B 110 -6.19 -12.02 -13.92
N LYS B 111 -5.66 -13.24 -14.00
CA LYS B 111 -5.85 -14.13 -15.14
C LYS B 111 -7.35 -14.36 -15.41
N CYS B 112 -8.11 -14.57 -14.33
CA CYS B 112 -9.57 -14.69 -14.41
C CYS B 112 -10.21 -13.43 -14.99
N PHE B 113 -9.75 -12.26 -14.55
CA PHE B 113 -10.22 -11.00 -15.12
C PHE B 113 -10.02 -11.00 -16.62
N SER B 114 -8.80 -11.31 -17.07
CA SER B 114 -8.48 -11.33 -18.50
C SER B 114 -9.34 -12.30 -19.29
N GLU B 115 -9.78 -13.39 -18.66
CA GLU B 115 -10.60 -14.40 -19.32
C GLU B 115 -12.09 -14.05 -19.32
N ASN B 116 -12.50 -13.26 -18.33
CA ASN B 116 -13.88 -12.81 -18.18
C ASN B 116 -14.14 -11.43 -18.77
N ALA B 117 -13.18 -10.95 -19.55
CA ALA B 117 -13.35 -9.76 -20.35
C ALA B 117 -14.01 -10.17 -21.66
N ASP B 118 -15.06 -9.44 -22.05
CA ASP B 118 -15.76 -9.67 -23.31
C ASP B 118 -15.10 -8.86 -24.43
N GLY B 119 -13.78 -8.92 -24.45
CA GLY B 119 -12.96 -8.07 -25.31
C GLY B 119 -11.70 -7.69 -24.55
N GLN B 120 -11.28 -6.44 -24.68
CA GLN B 120 -9.98 -5.98 -24.20
C GLN B 120 -9.81 -5.83 -22.68
N PHE B 121 -8.88 -6.59 -22.13
CA PHE B 121 -8.42 -6.40 -20.75
C PHE B 121 -6.98 -5.90 -20.81
N MET B 122 -6.64 -4.93 -19.95
CA MET B 122 -5.28 -4.37 -19.89
C MET B 122 -4.77 -4.42 -18.46
N TRP B 123 -3.54 -4.87 -18.28
CA TRP B 123 -2.93 -4.91 -16.95
C TRP B 123 -1.78 -3.93 -16.93
N PRO B 124 -1.64 -3.17 -15.83
CA PRO B 124 -0.51 -2.24 -15.74
C PRO B 124 0.83 -2.92 -15.98
#